data_5BUO
#
_entry.id   5BUO
#
_cell.length_a   60.410
_cell.length_b   103.050
_cell.length_c   108.850
_cell.angle_alpha   90.00
_cell.angle_beta   90.00
_cell.angle_gamma   90.00
#
_symmetry.space_group_name_H-M   'I 21 21 21'
#
loop_
_entity.id
_entity.type
_entity.pdbx_description
1 polymer 'Amyloid beta A4 protein'
2 branched '2-O-sulfo-alpha-L-idopyranuronic acid-(1-4)-2-deoxy-6-O-sulfo-2-(sulfoamino)-alpha-D-glucopyranose'
3 non-polymer 'ZINC ION'
4 non-polymer 'CALCIUM ION'
5 non-polymer GLYCEROL
6 non-polymer 'ACETATE ION'
7 non-polymer 'THIOCYANATE ION'
8 non-polymer 'SULFATE ION'
9 non-polymer 'MAGNESIUM ION'
10 water water
#
_entity_poly.entity_id   1
_entity_poly.type   'polypeptide(L)'
_entity_poly.pdbx_seq_one_letter_code
;MSTPDAVDKYLETPGDENEHAHFQKAKERLEAKHRERMSQVMREWEEAERQAKNLPKADKKAVIQHFQEKVESLEQEAAN
ERQQLVETHMARVEAMLNDRRRLALENYITALQAVPPRPRHVFNMLKKYVRAEQKDRQHTLKHFEHVRMVDPKKAAQIRS
QVMTHLRVIYERMNQSLSLLYNVPAVAEEIQDEVDELLQKEQNYSDDVLANMISEPRISYGNDALMPSLTETKTTVELLP
VNGEFSLDDLQPWHSFGADSVPANTENEVEPVDARPAADRGLTTRPGSGLTNIKTEEISEVKMDAEFRHDSGYEVHHQKL
VFFAEDVGSNKGAIIGLMVGGV
;
_entity_poly.pdbx_strand_id   A,B
#
loop_
_chem_comp.id
_chem_comp.type
_chem_comp.name
_chem_comp.formula
ACT non-polymer 'ACETATE ION' 'C2 H3 O2 -1'
CA non-polymer 'CALCIUM ION' 'Ca 2'
GOL non-polymer GLYCEROL 'C3 H8 O3'
IDS L-saccharide, alpha linking '2-O-sulfo-alpha-L-idopyranuronic acid' 'C6 H10 O10 S'
MG non-polymer 'MAGNESIUM ION' 'Mg 2'
SCN non-polymer 'THIOCYANATE ION' 'C N S -1'
SGN D-saccharide, alpha linking 2-deoxy-6-O-sulfo-2-(sulfoamino)-alpha-D-glucopyranose 'C6 H13 N O11 S2'
SO4 non-polymer 'SULFATE ION' 'O4 S -2'
ZN non-polymer 'ZINC ION' 'Zn 2'
#
# COMPACT_ATOMS: atom_id res chain seq x y z
N GLU A 17 -4.62 -6.36 9.58
CA GLU A 17 -5.96 -6.91 9.74
C GLU A 17 -6.62 -7.20 8.37
N ASN A 18 -5.80 -7.66 7.39
CA ASN A 18 -6.14 -7.93 5.98
C ASN A 18 -6.62 -6.62 5.29
N GLU A 19 -6.03 -5.46 5.71
CA GLU A 19 -6.33 -4.09 5.26
C GLU A 19 -6.34 -3.89 3.75
N HIS A 20 -5.45 -4.57 3.00
CA HIS A 20 -5.40 -4.47 1.54
C HIS A 20 -6.60 -5.16 0.87
N ALA A 21 -7.08 -6.28 1.48
CA ALA A 21 -8.24 -7.04 0.99
C ALA A 21 -9.56 -6.30 1.27
N HIS A 22 -9.60 -5.44 2.31
CA HIS A 22 -10.77 -4.62 2.64
C HIS A 22 -10.86 -3.46 1.64
N PHE A 23 -9.68 -3.03 1.12
CA PHE A 23 -9.54 -1.99 0.12
C PHE A 23 -10.04 -2.48 -1.24
N GLN A 24 -9.84 -3.78 -1.54
CA GLN A 24 -10.28 -4.36 -2.82
C GLN A 24 -11.78 -4.54 -2.91
N LYS A 25 -12.46 -4.85 -1.78
CA LYS A 25 -13.91 -5.02 -1.78
C LYS A 25 -14.56 -3.64 -1.95
N ALA A 26 -14.02 -2.63 -1.22
CA ALA A 26 -14.42 -1.23 -1.23
C ALA A 26 -14.25 -0.63 -2.64
N LYS A 27 -13.13 -0.99 -3.34
CA LYS A 27 -12.76 -0.58 -4.70
C LYS A 27 -13.78 -1.17 -5.67
N GLU A 28 -14.15 -2.44 -5.48
CA GLU A 28 -15.15 -3.12 -6.29
C GLU A 28 -16.55 -2.51 -6.10
N ARG A 29 -16.93 -2.17 -4.83
CA ARG A 29 -18.23 -1.54 -4.49
C ARG A 29 -18.35 -0.19 -5.23
N LEU A 30 -17.31 0.69 -5.07
CA LEU A 30 -17.16 1.99 -5.71
C LEU A 30 -17.40 1.87 -7.22
N GLU A 31 -16.77 0.87 -7.85
CA GLU A 31 -16.84 0.65 -9.28
C GLU A 31 -18.19 0.20 -9.79
N ALA A 32 -18.87 -0.66 -9.03
CA ALA A 32 -20.18 -1.18 -9.40
C ALA A 32 -21.21 -0.06 -9.27
N LYS A 33 -21.11 0.73 -8.19
CA LYS A 33 -21.95 1.89 -7.93
C LYS A 33 -21.79 2.94 -9.08
N HIS A 34 -20.54 3.17 -9.57
CA HIS A 34 -20.30 4.11 -10.68
C HIS A 34 -20.95 3.65 -11.99
N ARG A 35 -20.80 2.34 -12.30
CA ARG A 35 -21.36 1.65 -13.48
C ARG A 35 -22.90 1.74 -13.43
N GLU A 36 -23.49 1.53 -12.24
CA GLU A 36 -24.94 1.60 -11.99
C GLU A 36 -25.45 3.02 -12.21
N ARG A 37 -24.79 4.05 -11.60
CA ARG A 37 -25.16 5.47 -11.79
C ARG A 37 -25.03 5.93 -13.21
N MET A 38 -24.00 5.48 -13.91
CA MET A 38 -23.78 5.84 -15.33
C MET A 38 -24.87 5.30 -16.26
N SER A 39 -25.24 4.01 -16.11
CA SER A 39 -26.25 3.35 -16.96
C SER A 39 -27.63 3.98 -16.70
N GLN A 40 -27.90 4.34 -15.43
CA GLN A 40 -29.10 5.07 -15.06
C GLN A 40 -29.19 6.41 -15.84
N VAL A 41 -28.09 7.19 -15.89
CA VAL A 41 -28.05 8.48 -16.60
C VAL A 41 -28.23 8.28 -18.10
N MET A 42 -27.60 7.23 -18.66
CA MET A 42 -27.74 6.97 -20.10
C MET A 42 -29.18 6.66 -20.46
N ARG A 43 -29.90 5.95 -19.55
CA ARG A 43 -31.32 5.58 -19.65
C ARG A 43 -32.17 6.88 -19.64
N GLU A 44 -31.94 7.76 -18.64
CA GLU A 44 -32.62 9.04 -18.50
C GLU A 44 -32.41 9.93 -19.71
N TRP A 45 -31.19 9.93 -20.26
CA TRP A 45 -30.84 10.72 -21.45
C TRP A 45 -31.66 10.26 -22.67
N GLU A 46 -31.82 8.91 -22.81
CA GLU A 46 -32.61 8.34 -23.91
C GLU A 46 -34.07 8.84 -23.78
N GLU A 47 -34.70 8.70 -22.59
CA GLU A 47 -36.06 9.19 -22.32
C GLU A 47 -36.21 10.70 -22.65
N ALA A 48 -35.23 11.54 -22.21
CA ALA A 48 -35.22 12.99 -22.42
C ALA A 48 -35.09 13.42 -23.89
N GLU A 49 -34.13 12.82 -24.64
CA GLU A 49 -33.86 13.03 -26.07
C GLU A 49 -35.14 12.77 -26.90
N ARG A 50 -35.79 11.62 -26.60
CA ARG A 50 -37.06 11.15 -27.17
C ARG A 50 -38.10 12.27 -26.92
N GLN A 51 -38.32 12.65 -25.63
CA GLN A 51 -39.22 13.73 -25.24
C GLN A 51 -38.88 15.10 -25.82
N ALA A 52 -37.61 15.41 -26.04
CA ALA A 52 -37.22 16.70 -26.61
C ALA A 52 -37.54 16.85 -28.12
N LYS A 53 -37.91 15.74 -28.81
CA LYS A 53 -38.27 15.75 -30.26
C LYS A 53 -39.48 16.64 -30.53
N ASN A 54 -40.42 16.66 -29.57
CA ASN A 54 -41.64 17.45 -29.61
C ASN A 54 -41.46 18.85 -29.04
N LEU A 55 -40.24 19.22 -28.62
CA LEU A 55 -39.98 20.53 -28.02
C LEU A 55 -39.18 21.48 -28.94
N PRO A 56 -39.11 22.80 -28.63
CA PRO A 56 -38.24 23.70 -29.44
C PRO A 56 -36.73 23.38 -29.32
N LYS A 57 -35.89 23.88 -30.27
CA LYS A 57 -34.43 23.66 -30.36
C LYS A 57 -33.63 24.01 -29.10
N ALA A 58 -34.06 25.05 -28.36
CA ALA A 58 -33.46 25.50 -27.10
C ALA A 58 -33.63 24.40 -26.05
N ASP A 59 -34.71 23.61 -26.13
CA ASP A 59 -34.94 22.50 -25.21
C ASP A 59 -34.10 21.30 -25.61
N LYS A 60 -33.93 21.10 -26.92
CA LYS A 60 -33.07 20.04 -27.44
C LYS A 60 -31.61 20.29 -27.01
N LYS A 61 -31.14 21.56 -27.12
CA LYS A 61 -29.79 21.98 -26.73
C LYS A 61 -29.55 21.84 -25.23
N ALA A 62 -30.52 22.23 -24.41
CA ALA A 62 -30.46 22.16 -22.95
C ALA A 62 -30.42 20.73 -22.43
N VAL A 63 -31.19 19.79 -23.06
CA VAL A 63 -31.19 18.39 -22.68
C VAL A 63 -29.77 17.83 -22.88
N ILE A 64 -29.18 18.08 -24.08
CA ILE A 64 -27.81 17.70 -24.43
C ILE A 64 -26.83 18.27 -23.36
N GLN A 65 -26.96 19.57 -23.01
CA GLN A 65 -26.14 20.21 -22.00
C GLN A 65 -26.31 19.62 -20.63
N HIS A 66 -27.57 19.43 -20.15
CA HIS A 66 -27.78 18.87 -18.79
C HIS A 66 -27.24 17.46 -18.63
N PHE A 67 -27.31 16.67 -19.70
CA PHE A 67 -26.82 15.29 -19.67
C PHE A 67 -25.31 15.18 -19.82
N GLN A 68 -24.67 16.03 -20.62
CA GLN A 68 -23.20 16.06 -20.68
C GLN A 68 -22.64 16.43 -19.30
N GLU A 69 -23.26 17.43 -18.62
CA GLU A 69 -22.83 17.86 -17.26
C GLU A 69 -23.07 16.77 -16.27
N LYS A 70 -24.19 16.05 -16.40
CA LYS A 70 -24.43 14.96 -15.47
C LYS A 70 -23.40 13.84 -15.59
N VAL A 71 -23.02 13.46 -16.83
CA VAL A 71 -22.01 12.43 -17.01
C VAL A 71 -20.64 12.86 -16.53
N GLU A 72 -20.26 14.15 -16.80
CA GLU A 72 -19.00 14.74 -16.36
C GLU A 72 -18.93 14.85 -14.85
N SER A 73 -20.02 15.24 -14.23
CA SER A 73 -20.13 15.33 -12.77
C SER A 73 -19.96 13.92 -12.13
N LEU A 74 -20.48 12.87 -12.79
CA LEU A 74 -20.36 11.49 -12.31
C LEU A 74 -18.93 11.02 -12.44
N GLU A 75 -18.27 11.36 -13.55
CA GLU A 75 -16.88 11.01 -13.79
C GLU A 75 -16.00 11.60 -12.70
N GLN A 76 -16.25 12.88 -12.34
CA GLN A 76 -15.53 13.62 -11.29
C GLN A 76 -15.82 13.07 -9.89
N GLU A 77 -17.07 12.72 -9.61
CA GLU A 77 -17.40 12.11 -8.32
C GLU A 77 -16.63 10.80 -8.10
N ALA A 78 -16.63 9.90 -9.14
CA ALA A 78 -15.92 8.60 -9.13
C ALA A 78 -14.39 8.81 -8.93
N ALA A 79 -13.77 9.78 -9.65
CA ALA A 79 -12.35 10.14 -9.57
C ALA A 79 -12.00 10.52 -8.14
N ASN A 80 -12.84 11.35 -7.52
CA ASN A 80 -12.68 11.79 -6.14
C ASN A 80 -12.84 10.71 -5.12
N GLU A 81 -13.77 9.77 -5.33
CA GLU A 81 -13.96 8.64 -4.41
C GLU A 81 -12.75 7.70 -4.50
N ARG A 82 -12.23 7.43 -5.73
CA ARG A 82 -11.04 6.60 -5.98
C ARG A 82 -9.85 7.17 -5.22
N GLN A 83 -9.52 8.45 -5.47
CA GLN A 83 -8.44 9.21 -4.86
C GLN A 83 -8.48 9.11 -3.33
N GLN A 84 -9.64 9.43 -2.73
CA GLN A 84 -9.86 9.38 -1.29
C GLN A 84 -9.75 7.97 -0.72
N LEU A 85 -10.20 6.95 -1.49
CA LEU A 85 -10.09 5.57 -1.08
C LEU A 85 -8.63 5.13 -1.08
N VAL A 86 -7.85 5.51 -2.12
CA VAL A 86 -6.44 5.14 -2.21
C VAL A 86 -5.63 5.82 -1.06
N GLU A 87 -5.86 7.12 -0.83
CA GLU A 87 -5.18 7.90 0.23
C GLU A 87 -5.44 7.34 1.63
N THR A 88 -6.71 7.04 1.95
CA THR A 88 -7.10 6.49 3.26
C THR A 88 -6.43 5.13 3.49
N HIS A 89 -6.41 4.27 2.46
CA HIS A 89 -5.82 2.93 2.48
C HIS A 89 -4.30 2.95 2.61
N MET A 90 -3.61 3.83 1.86
CA MET A 90 -2.16 3.96 1.91
C MET A 90 -1.69 4.41 3.31
N ALA A 91 -2.37 5.41 3.90
CA ALA A 91 -2.07 5.94 5.24
C ALA A 91 -2.29 4.88 6.32
N ARG A 92 -3.41 4.11 6.23
CA ARG A 92 -3.76 3.04 7.15
C ARG A 92 -2.78 1.88 7.09
N VAL A 93 -2.45 1.43 5.87
CA VAL A 93 -1.50 0.34 5.63
C VAL A 93 -0.08 0.72 6.07
N GLU A 94 0.37 1.95 5.81
CA GLU A 94 1.70 2.39 6.22
C GLU A 94 1.85 2.46 7.74
N ALA A 95 0.85 2.99 8.46
CA ALA A 95 0.87 3.05 9.93
C ALA A 95 0.90 1.64 10.53
N MET A 96 0.03 0.75 10.02
CA MET A 96 -0.04 -0.65 10.43
C MET A 96 1.28 -1.37 10.17
N LEU A 97 1.83 -1.28 8.92
CA LEU A 97 3.10 -1.93 8.56
C LEU A 97 4.30 -1.41 9.34
N ASN A 98 4.28 -0.12 9.70
CA ASN A 98 5.33 0.50 10.49
C ASN A 98 5.32 -0.07 11.90
N ASP A 99 4.11 -0.17 12.52
CA ASP A 99 3.91 -0.71 13.87
C ASP A 99 4.36 -2.17 13.99
N ARG A 100 4.00 -3.03 13.01
CA ARG A 100 4.39 -4.44 13.02
C ARG A 100 5.92 -4.56 12.95
N ARG A 101 6.55 -3.76 12.05
CA ARG A 101 8.00 -3.75 11.83
CA ARG A 101 8.00 -3.75 11.82
C ARG A 101 8.77 -3.19 13.02
N ARG A 102 8.24 -2.14 13.68
CA ARG A 102 8.82 -1.49 14.87
C ARG A 102 8.91 -2.58 15.97
N LEU A 103 7.79 -3.31 16.18
CA LEU A 103 7.66 -4.38 17.17
C LEU A 103 8.56 -5.59 16.86
N ALA A 104 8.51 -6.11 15.61
CA ALA A 104 9.33 -7.25 15.21
C ALA A 104 10.84 -6.97 15.28
N LEU A 105 11.26 -5.70 15.06
CA LEU A 105 12.65 -5.27 15.15
C LEU A 105 13.08 -5.20 16.62
N GLU A 106 12.30 -4.48 17.48
CA GLU A 106 12.52 -4.38 18.93
C GLU A 106 12.69 -5.77 19.60
N ASN A 107 11.85 -6.76 19.21
CA ASN A 107 11.93 -8.15 19.67
C ASN A 107 13.23 -8.79 19.30
N TYR A 108 13.61 -8.66 18.01
CA TYR A 108 14.83 -9.22 17.43
C TYR A 108 16.09 -8.67 18.12
N ILE A 109 16.07 -7.38 18.47
CA ILE A 109 17.17 -6.74 19.16
C ILE A 109 17.22 -7.24 20.64
N THR A 110 16.04 -7.46 21.26
CA THR A 110 15.96 -8.02 22.61
C THR A 110 16.50 -9.46 22.58
N ALA A 111 16.11 -10.27 21.60
CA ALA A 111 16.58 -11.65 21.50
C ALA A 111 18.12 -11.75 21.39
N LEU A 112 18.75 -10.78 20.70
CA LEU A 112 20.19 -10.72 20.46
C LEU A 112 20.99 -10.40 21.72
N GLN A 113 20.33 -9.78 22.71
CA GLN A 113 21.01 -9.43 23.96
C GLN A 113 20.89 -10.47 25.10
N ALA A 114 20.29 -11.64 24.81
CA ALA A 114 20.15 -12.73 25.78
C ALA A 114 21.54 -13.29 26.19
N VAL A 115 21.75 -13.49 27.53
CA VAL A 115 22.97 -14.06 28.12
C VAL A 115 22.56 -15.26 29.01
N PRO A 116 22.87 -16.51 28.62
CA PRO A 116 23.60 -16.95 27.40
C PRO A 116 22.83 -16.75 26.07
N PRO A 117 23.53 -16.74 24.90
CA PRO A 117 22.82 -16.54 23.63
C PRO A 117 21.81 -17.63 23.32
N ARG A 118 20.72 -17.24 22.64
CA ARG A 118 19.64 -18.13 22.22
C ARG A 118 19.51 -18.07 20.67
N PRO A 119 20.31 -18.85 19.90
CA PRO A 119 20.23 -18.74 18.42
C PRO A 119 18.91 -19.07 17.73
N ARG A 120 18.19 -20.11 18.17
CA ARG A 120 16.91 -20.52 17.57
C ARG A 120 15.83 -19.47 17.80
N HIS A 121 15.84 -18.83 18.98
CA HIS A 121 14.91 -17.77 19.34
C HIS A 121 15.23 -16.48 18.55
N VAL A 122 16.55 -16.20 18.29
CA VAL A 122 16.99 -15.05 17.48
C VAL A 122 16.46 -15.22 16.04
N PHE A 123 16.62 -16.44 15.43
CA PHE A 123 16.13 -16.76 14.09
C PHE A 123 14.61 -16.61 13.97
N ASN A 124 13.84 -17.09 14.97
CA ASN A 124 12.39 -16.97 15.03
C ASN A 124 11.99 -15.49 15.05
N MET A 125 12.70 -14.67 15.83
CA MET A 125 12.44 -13.23 15.93
C MET A 125 12.91 -12.46 14.69
N LEU A 126 13.91 -13.01 13.95
CA LEU A 126 14.43 -12.40 12.72
C LEU A 126 13.46 -12.66 11.57
N LYS A 127 13.00 -13.93 11.41
CA LYS A 127 12.04 -14.38 10.39
C LYS A 127 10.81 -13.44 10.41
N LYS A 128 10.23 -13.20 11.61
CA LYS A 128 9.09 -12.29 11.79
C LYS A 128 9.45 -10.84 11.41
N TYR A 129 10.71 -10.46 11.59
CA TYR A 129 11.15 -9.11 11.26
C TYR A 129 11.38 -8.95 9.74
N VAL A 130 12.00 -9.95 9.11
CA VAL A 130 12.28 -9.97 7.68
C VAL A 130 10.93 -9.92 6.94
N ARG A 131 9.98 -10.81 7.30
CA ARG A 131 8.64 -10.86 6.72
C ARG A 131 7.87 -9.51 6.84
N ALA A 132 8.05 -8.78 7.96
CA ALA A 132 7.43 -7.48 8.21
C ALA A 132 8.01 -6.40 7.27
N GLU A 133 9.29 -6.58 6.89
CA GLU A 133 10.03 -5.71 5.99
C GLU A 133 9.57 -6.01 4.56
N GLN A 134 9.45 -7.31 4.26
CA GLN A 134 9.00 -7.92 3.03
C GLN A 134 7.58 -7.49 2.66
N LYS A 135 6.65 -7.44 3.66
CA LYS A 135 5.26 -7.02 3.48
C LYS A 135 5.23 -5.54 3.11
N ASP A 136 6.07 -4.74 3.75
CA ASP A 136 6.16 -3.31 3.43
C ASP A 136 6.67 -3.11 2.00
N ARG A 137 7.68 -3.89 1.61
CA ARG A 137 8.27 -3.86 0.28
C ARG A 137 7.25 -4.28 -0.75
N GLN A 138 6.57 -5.44 -0.54
CA GLN A 138 5.55 -6.01 -1.41
C GLN A 138 4.39 -5.05 -1.61
N HIS A 139 3.83 -4.51 -0.53
CA HIS A 139 2.73 -3.58 -0.62
C HIS A 139 3.10 -2.26 -1.35
N THR A 140 4.35 -1.78 -1.19
CA THR A 140 4.84 -0.59 -1.86
C THR A 140 4.87 -0.85 -3.38
N LEU A 141 5.37 -2.07 -3.79
CA LEU A 141 5.48 -2.50 -5.18
C LEU A 141 4.09 -2.69 -5.80
N LYS A 142 3.12 -3.18 -5.02
CA LYS A 142 1.73 -3.46 -5.43
C LYS A 142 1.02 -2.15 -5.75
N HIS A 143 1.16 -1.14 -4.88
CA HIS A 143 0.57 0.18 -5.06
C HIS A 143 1.23 0.93 -6.23
N PHE A 144 2.56 0.86 -6.36
CA PHE A 144 3.23 1.52 -7.49
C PHE A 144 2.86 0.87 -8.83
N GLU A 145 2.75 -0.47 -8.87
CA GLU A 145 2.30 -1.19 -10.07
C GLU A 145 0.90 -0.76 -10.52
N HIS A 146 -0.02 -0.54 -9.57
CA HIS A 146 -1.39 -0.08 -9.85
C HIS A 146 -1.34 1.29 -10.56
N VAL A 147 -0.61 2.25 -9.95
CA VAL A 147 -0.43 3.62 -10.50
C VAL A 147 0.17 3.55 -11.92
N ARG A 148 1.20 2.72 -12.13
CA ARG A 148 1.83 2.55 -13.45
C ARG A 148 0.81 2.06 -14.49
N MET A 149 -0.14 1.20 -14.08
CA MET A 149 -1.14 0.63 -15.00
C MET A 149 -2.26 1.59 -15.34
N VAL A 150 -2.71 2.38 -14.36
CA VAL A 150 -3.82 3.29 -14.48
C VAL A 150 -3.47 4.70 -14.82
N ASP A 151 -2.27 5.16 -14.50
CA ASP A 151 -1.92 6.58 -14.70
C ASP A 151 -0.42 6.75 -14.85
N PRO A 152 0.15 6.49 -16.06
CA PRO A 152 1.60 6.59 -16.27
C PRO A 152 2.28 7.89 -15.85
N LYS A 153 1.56 9.01 -15.99
CA LYS A 153 2.04 10.33 -15.66
C LYS A 153 2.21 10.51 -14.16
N LYS A 154 1.26 9.98 -13.36
CA LYS A 154 1.37 10.01 -11.90
C LYS A 154 2.50 9.05 -11.44
N ALA A 155 2.62 7.88 -12.10
CA ALA A 155 3.67 6.91 -11.80
C ALA A 155 5.06 7.49 -11.99
N ALA A 156 5.28 8.20 -13.12
CA ALA A 156 6.56 8.87 -13.43
C ALA A 156 6.89 9.92 -12.40
N GLN A 157 5.86 10.59 -11.85
CA GLN A 157 6.04 11.60 -10.81
C GLN A 157 6.44 10.99 -9.45
N ILE A 158 5.84 9.84 -9.06
CA ILE A 158 6.06 9.17 -7.77
C ILE A 158 7.18 8.17 -7.75
N ARG A 159 7.71 7.78 -8.94
CA ARG A 159 8.73 6.75 -9.11
C ARG A 159 9.94 6.90 -8.16
N SER A 160 10.45 8.13 -8.02
CA SER A 160 11.62 8.40 -7.18
C SER A 160 11.33 8.28 -5.68
N GLN A 161 10.16 8.75 -5.18
CA GLN A 161 9.73 8.58 -3.78
C GLN A 161 9.57 7.06 -3.48
N VAL A 162 8.96 6.29 -4.43
CA VAL A 162 8.77 4.84 -4.30
C VAL A 162 10.13 4.18 -4.15
N MET A 163 11.06 4.48 -5.06
CA MET A 163 12.40 3.87 -5.05
C MET A 163 13.19 4.24 -3.79
N THR A 164 12.92 5.45 -3.27
CA THR A 164 13.48 5.95 -2.02
C THR A 164 12.93 5.09 -0.88
N HIS A 165 11.61 4.83 -0.88
CA HIS A 165 10.96 3.96 0.11
C HIS A 165 11.58 2.58 0.08
N LEU A 166 11.75 2.01 -1.11
CA LEU A 166 12.37 0.70 -1.30
C LEU A 166 13.82 0.67 -0.78
N ARG A 167 14.55 1.77 -0.97
CA ARG A 167 15.94 1.95 -0.50
C ARG A 167 15.98 1.95 1.04
N VAL A 168 15.05 2.63 1.71
CA VAL A 168 14.91 2.68 3.17
C VAL A 168 14.67 1.27 3.71
N ILE A 169 13.68 0.56 3.16
CA ILE A 169 13.38 -0.80 3.59
C ILE A 169 14.59 -1.71 3.47
N TYR A 170 15.21 -1.73 2.27
CA TYR A 170 16.33 -2.59 1.95
C TYR A 170 17.53 -2.33 2.86
N GLU A 171 17.95 -1.06 2.99
CA GLU A 171 19.09 -0.65 3.81
C GLU A 171 18.86 -0.96 5.30
N ARG A 172 17.65 -0.66 5.83
CA ARG A 172 17.29 -0.96 7.22
C ARG A 172 17.28 -2.46 7.47
N MET A 173 16.81 -3.25 6.52
CA MET A 173 16.87 -4.70 6.68
C MET A 173 18.32 -5.22 6.68
N ASN A 174 19.20 -4.60 5.88
CA ASN A 174 20.60 -5.03 5.84
C ASN A 174 21.39 -4.63 7.09
N GLN A 175 21.12 -3.41 7.66
CA GLN A 175 21.71 -2.91 8.92
C GLN A 175 21.32 -3.90 10.05
N SER A 176 20.06 -4.41 9.99
CA SER A 176 19.44 -5.32 10.94
C SER A 176 20.01 -6.73 10.90
N LEU A 177 20.12 -7.33 9.72
CA LEU A 177 20.71 -8.65 9.57
C LEU A 177 22.22 -8.64 9.94
N SER A 178 22.87 -7.48 9.81
CA SER A 178 24.29 -7.26 10.15
C SER A 178 24.53 -7.47 11.66
N LEU A 179 23.56 -7.09 12.51
CA LEU A 179 23.58 -7.27 13.97
C LEU A 179 23.75 -8.74 14.35
N LEU A 180 23.23 -9.64 13.50
CA LEU A 180 23.31 -11.10 13.64
C LEU A 180 24.76 -11.60 13.52
N TYR A 181 25.50 -11.07 12.54
CA TYR A 181 26.92 -11.39 12.31
C TYR A 181 27.80 -10.73 13.37
N ASN A 182 27.21 -9.75 14.12
CA ASN A 182 27.89 -9.04 15.21
C ASN A 182 27.96 -9.87 16.50
N VAL A 183 27.18 -10.98 16.57
CA VAL A 183 27.20 -12.00 17.64
C VAL A 183 27.64 -13.28 16.88
N PRO A 184 28.99 -13.49 16.73
CA PRO A 184 29.49 -14.61 15.91
C PRO A 184 29.04 -16.03 16.24
N ALA A 185 28.75 -16.28 17.54
CA ALA A 185 28.27 -17.57 18.05
C ALA A 185 26.90 -17.89 17.44
N VAL A 186 25.97 -16.91 17.51
CA VAL A 186 24.61 -17.03 16.98
C VAL A 186 24.64 -17.19 15.46
N ALA A 187 25.42 -16.34 14.76
CA ALA A 187 25.57 -16.34 13.31
C ALA A 187 26.08 -17.68 12.74
N GLU A 188 27.20 -18.21 13.26
CA GLU A 188 27.80 -19.49 12.83
C GLU A 188 26.84 -20.68 12.94
N GLU A 189 25.94 -20.61 13.92
CA GLU A 189 24.94 -21.63 14.23
C GLU A 189 23.73 -21.60 13.28
N ILE A 190 23.27 -20.40 12.87
CA ILE A 190 22.08 -20.22 12.02
C ILE A 190 22.34 -19.66 10.59
N GLN A 191 23.61 -19.62 10.14
CA GLN A 191 24.00 -19.14 8.80
C GLN A 191 23.29 -19.86 7.64
N ASP A 192 23.02 -21.16 7.80
CA ASP A 192 22.33 -21.98 6.80
C ASP A 192 20.83 -21.67 6.73
N GLU A 193 20.19 -21.44 7.88
CA GLU A 193 18.75 -21.15 7.98
C GLU A 193 18.41 -19.75 7.49
N VAL A 194 19.32 -18.78 7.71
CA VAL A 194 19.12 -17.38 7.32
C VAL A 194 19.23 -17.19 5.79
N ASP A 195 20.23 -17.84 5.16
CA ASP A 195 20.47 -17.79 3.72
C ASP A 195 19.38 -18.55 2.95
N GLU A 196 18.80 -19.60 3.57
CA GLU A 196 17.69 -20.37 3.02
C GLU A 196 16.36 -19.57 3.13
N LEU A 197 16.36 -18.52 3.99
CA LEU A 197 15.23 -17.62 4.24
C LEU A 197 15.36 -16.36 3.38
N LEU A 198 16.59 -15.86 3.18
CA LEU A 198 16.89 -14.66 2.41
C LEU A 198 16.71 -14.84 0.90
N GLN A 199 17.13 -16.00 0.35
CA GLN A 199 17.02 -16.32 -1.06
C GLN A 199 15.55 -16.46 -1.52
N LYS A 200 14.65 -16.88 -0.58
CA LYS A 200 13.20 -17.05 -0.80
C LYS A 200 12.40 -15.74 -0.55
N GLU A 201 13.06 -14.69 0.00
CA GLU A 201 12.46 -13.39 0.31
C GLU A 201 12.35 -12.52 -0.94
N PHE B 245 12.13 8.39 14.11
CA PHE B 245 12.94 8.08 12.93
C PHE B 245 14.27 7.39 13.22
N SER B 246 14.46 6.21 12.56
CA SER B 246 15.57 5.23 12.41
C SER B 246 15.83 4.22 13.51
N LEU B 247 16.80 3.27 13.29
CA LEU B 247 17.27 2.30 14.28
C LEU B 247 17.74 3.12 15.46
N ASP B 248 18.25 4.32 15.13
CA ASP B 248 18.69 5.45 15.95
C ASP B 248 17.63 5.90 16.98
N ASP B 249 16.35 6.01 16.55
CA ASP B 249 15.23 6.46 17.37
C ASP B 249 14.91 5.53 18.52
N LEU B 250 15.21 4.23 18.33
CA LEU B 250 14.99 3.17 19.32
C LEU B 250 16.01 3.22 20.45
N GLN B 251 17.10 4.00 20.30
CA GLN B 251 18.23 4.12 21.23
C GLN B 251 18.63 2.69 21.71
N PRO B 252 19.04 1.78 20.78
CA PRO B 252 19.31 0.38 21.18
C PRO B 252 20.42 0.12 22.20
N TRP B 253 21.52 0.89 22.11
CA TRP B 253 22.68 0.69 22.97
C TRP B 253 22.67 1.47 24.27
N HIS B 254 21.70 2.40 24.41
CA HIS B 254 21.51 3.16 25.64
C HIS B 254 20.08 3.05 26.21
N SER B 255 19.21 4.06 26.09
CA SER B 255 17.84 3.95 26.63
C SER B 255 16.78 3.31 25.67
N PHE B 256 15.71 4.05 25.28
CA PHE B 256 14.63 3.56 24.39
C PHE B 256 14.23 4.59 23.34
C1 SGN C . 12.98 -22.82 21.25
C2 SGN C . 12.96 -23.54 19.83
C3 SGN C . 13.32 -25.05 20.04
C4 SGN C . 14.66 -25.33 20.81
C5 SGN C . 14.92 -24.25 22.00
C6 SGN C . 16.43 -23.77 22.01
N2 SGN C . 11.73 -23.32 19.07
O1 SGN C . 11.79 -22.99 21.92
O3 SGN C . 13.51 -25.64 18.80
O4 SGN C . 14.66 -26.70 21.22
O5 SGN C . 14.01 -23.15 22.15
O6 SGN C . 16.69 -22.58 21.40
S1 SGN C . 11.27 -23.97 17.52
O1S SGN C . 12.36 -23.73 16.63
O2S SGN C . 10.04 -23.32 17.14
O3S SGN C . 11.00 -25.38 17.71
S2 SGN C . 16.99 -21.15 22.23
O4S SGN C . 15.74 -20.87 22.87
O5S SGN C . 17.33 -20.24 21.20
O6S SGN C . 18.08 -21.42 23.10
C1 IDS C . 15.94 -27.31 21.33
C2 IDS C . 16.43 -27.60 22.81
C3 IDS C . 17.96 -28.07 22.72
C4 IDS C . 18.17 -29.26 21.70
C5 IDS C . 17.39 -29.00 20.31
C6 IDS C . 18.25 -28.29 19.14
O2 IDS C . 16.41 -26.47 23.59
O3 IDS C . 18.36 -28.46 24.00
O4 IDS C . 19.56 -29.42 21.50
O5 IDS C . 16.05 -28.50 20.56
O6A IDS C . 17.96 -27.13 18.82
O6B IDS C . 19.17 -28.97 18.64
S IDS C . 16.37 -26.38 25.31
O1S IDS C . 17.72 -26.07 25.66
O2S IDS C . 15.44 -25.36 25.69
O3S IDS C . 15.91 -27.67 25.70
ZN ZN D . -32.74 18.15 -18.64
ZN ZN E . -17.07 6.57 -15.62
ZN ZN F . -6.59 3.24 -8.70
ZN ZN G . -2.89 -1.65 -0.86
ZN ZN H . 1.71 6.76 -3.56
ZN ZN I . 7.89 1.34 4.74
CA CA J . 9.99 -23.76 22.77
C1 GOL K . -34.44 26.35 -22.34
O1 GOL K . -33.57 27.48 -22.29
C2 GOL K . -33.90 25.17 -21.55
O2 GOL K . -34.77 24.05 -21.73
C3 GOL K . -33.66 25.43 -20.09
O3 GOL K . -33.31 24.24 -19.38
C1 GOL L . 9.52 6.16 3.34
O1 GOL L . 10.63 6.56 2.54
C2 GOL L . 8.21 6.57 2.70
O2 GOL L . 8.25 6.28 1.30
C3 GOL L . 6.95 5.95 3.27
O3 GOL L . 5.79 6.52 2.65
C1 GOL M . -26.15 9.38 -26.37
O1 GOL M . -25.46 10.57 -26.71
C2 GOL M . -27.47 9.66 -25.69
O2 GOL M . -28.17 10.68 -26.42
C3 GOL M . -28.34 8.42 -25.63
O3 GOL M . -27.92 7.54 -24.59
C ACT N . -35.33 20.22 -20.26
O ACT N . -36.45 20.52 -19.79
OXT ACT N . -34.58 19.30 -19.83
CH3 ACT N . -34.85 21.03 -21.46
S SCN O . -32.63 15.78 -14.55
C SCN O . -32.52 16.81 -15.82
N SCN O . -32.54 17.46 -16.77
S SCN P . -10.04 3.02 -5.57
C SCN P . -8.92 3.03 -6.75
N SCN P . -7.97 3.12 -7.39
S SCN Q . 5.44 5.26 -1.51
C SCN Q . 4.90 6.40 -2.55
N SCN Q . 4.44 7.13 -3.31
S SO4 R . -29.19 25.53 -18.52
O1 SO4 R . -28.79 26.94 -18.39
O2 SO4 R . -29.12 25.13 -19.92
O3 SO4 R . -28.28 24.70 -17.71
O4 SO4 R . -30.56 25.39 -18.03
MG MG S . -3.22 0.88 -4.86
#